data_1Y1L
#
_entry.id   1Y1L
#
_cell.length_a   48.390
_cell.length_b   48.510
_cell.length_c   66.370
_cell.angle_alpha   100.00
_cell.angle_beta   90.70
_cell.angle_gamma   100.00
#
_symmetry.space_group_name_H-M   'P 1'
#
loop_
_entity.id
_entity.type
_entity.pdbx_description
1 polymer 'arsenate reductase (arsC)'
2 non-polymer 'CADMIUM ION'
#
_entity_poly.entity_id   1
_entity_poly.type   'polypeptide(L)'
_entity_poly.pdbx_seq_one_letter_code
;KVLFVCIHNTARSVMAEALFNAMAKSWKAESAGVEKAERVDETVKRLLAERGLKAKEKPRTVDEVNLDDFDLIVTVCEES
SCVVLPTDKPVTRWHIENPAGKDEGTYRRVLAEIEERVKKLVGE
;
_entity_poly.pdbx_strand_id   A,B,C,D
#
# COMPACT_ATOMS: atom_id res chain seq x y z
N LYS A 1 22.82 -6.63 -1.07
CA LYS A 1 22.03 -7.80 -0.55
C LYS A 1 20.52 -7.60 -0.63
N VAL A 2 19.79 -8.71 -0.63
CA VAL A 2 18.32 -8.74 -0.70
C VAL A 2 17.77 -9.26 0.64
N LEU A 3 16.52 -8.94 0.96
CA LEU A 3 15.90 -9.42 2.21
C LEU A 3 14.62 -10.15 1.89
N PHE A 4 14.57 -11.42 2.30
CA PHE A 4 13.38 -12.24 2.09
C PHE A 4 12.59 -12.23 3.39
N VAL A 5 11.41 -11.59 3.37
CA VAL A 5 10.61 -11.55 4.56
C VAL A 5 9.22 -12.12 4.35
N CYS A 6 8.80 -12.93 5.32
CA CYS A 6 7.49 -13.53 5.30
C CYS A 6 6.91 -13.25 6.69
N ILE A 7 5.76 -13.85 7.01
CA ILE A 7 5.15 -13.61 8.31
C ILE A 7 5.99 -14.19 9.43
N HIS A 8 5.74 -15.46 9.73
CA HIS A 8 6.40 -16.15 10.82
C HIS A 8 7.92 -16.48 10.69
N ASN A 9 8.47 -16.39 9.48
CA ASN A 9 9.91 -16.65 9.24
C ASN A 9 10.45 -17.97 9.79
N THR A 10 10.00 -19.08 9.22
CA THR A 10 10.45 -20.38 9.70
C THR A 10 10.82 -21.32 8.55
N ALA A 11 10.18 -21.12 7.40
CA ALA A 11 10.43 -21.96 6.23
C ALA A 11 10.82 -21.23 4.96
N ARG A 12 9.83 -20.79 4.19
CA ARG A 12 10.03 -20.08 2.93
C ARG A 12 11.09 -18.99 2.99
N SER A 13 10.95 -18.12 3.97
CA SER A 13 11.89 -17.03 4.15
C SER A 13 13.27 -17.60 4.12
N VAL A 14 13.46 -18.60 4.96
CA VAL A 14 14.72 -19.28 5.09
C VAL A 14 15.15 -20.04 3.85
N MET A 15 14.20 -20.61 3.13
CA MET A 15 14.54 -21.36 1.93
C MET A 15 15.12 -20.44 0.88
N ALA A 16 14.38 -19.40 0.53
CA ALA A 16 14.81 -18.44 -0.48
C ALA A 16 16.22 -17.90 -0.21
N GLU A 17 16.48 -17.58 1.07
CA GLU A 17 17.78 -17.07 1.47
C GLU A 17 18.89 -18.02 1.05
N ALA A 18 18.86 -19.23 1.59
CA ALA A 18 19.85 -20.27 1.33
C ALA A 18 20.05 -20.57 -0.15
N LEU A 19 18.95 -20.64 -0.90
CA LEU A 19 19.03 -20.91 -2.32
C LEU A 19 19.64 -19.74 -3.09
N PHE A 20 19.26 -18.54 -2.67
CA PHE A 20 19.77 -17.32 -3.28
C PHE A 20 21.29 -17.32 -3.17
N ASN A 21 21.77 -17.40 -1.94
CA ASN A 21 23.19 -17.41 -1.64
C ASN A 21 23.98 -18.46 -2.42
N ALA A 22 23.39 -19.61 -2.67
CA ALA A 22 24.07 -20.67 -3.41
C ALA A 22 24.07 -20.37 -4.91
N MET A 23 23.34 -19.34 -5.33
CA MET A 23 23.27 -19.01 -6.74
C MET A 23 23.85 -17.65 -7.08
N ALA A 24 23.78 -16.71 -6.15
CA ALA A 24 24.31 -15.38 -6.37
C ALA A 24 25.82 -15.29 -6.12
N LYS A 25 26.52 -14.58 -7.00
CA LYS A 25 27.96 -14.42 -6.87
C LYS A 25 28.29 -13.18 -6.04
N SER A 26 27.78 -12.02 -6.46
CA SER A 26 28.06 -10.79 -5.72
C SER A 26 27.03 -10.44 -4.65
N TRP A 27 25.75 -10.61 -4.95
CA TRP A 27 24.71 -10.32 -3.98
C TRP A 27 24.63 -11.36 -2.88
N LYS A 28 24.19 -10.93 -1.71
CA LYS A 28 24.04 -11.82 -0.59
C LYS A 28 22.57 -11.73 -0.19
N ALA A 29 22.16 -12.50 0.81
CA ALA A 29 20.78 -12.50 1.23
C ALA A 29 20.59 -12.72 2.72
N GLU A 30 19.49 -12.21 3.24
CA GLU A 30 19.13 -12.35 4.62
C GLU A 30 17.62 -12.54 4.63
N SER A 31 17.05 -12.86 5.79
CA SER A 31 15.62 -13.05 5.90
C SER A 31 15.09 -12.47 7.20
N ALA A 32 13.80 -12.14 7.22
CA ALA A 32 13.16 -11.61 8.43
C ALA A 32 11.66 -11.91 8.41
N GLY A 33 11.01 -11.76 9.56
CA GLY A 33 9.59 -12.02 9.63
C GLY A 33 8.79 -10.96 10.36
N VAL A 34 7.49 -10.95 10.09
CA VAL A 34 6.59 -9.99 10.72
C VAL A 34 6.33 -10.34 12.19
N GLU A 35 6.29 -11.64 12.51
CA GLU A 35 6.03 -12.07 13.88
C GLU A 35 7.01 -13.12 14.40
N LYS A 36 7.19 -13.13 15.73
CA LYS A 36 8.13 -14.05 16.38
C LYS A 36 7.89 -15.54 16.19
N ALA A 37 8.99 -16.27 16.21
CA ALA A 37 8.98 -17.72 16.06
C ALA A 37 10.21 -18.24 16.76
N GLU A 38 10.06 -19.36 17.48
CA GLU A 38 11.15 -19.95 18.23
C GLU A 38 12.14 -20.78 17.40
N ARG A 39 11.60 -21.64 16.54
CA ARG A 39 12.42 -22.54 15.72
C ARG A 39 12.25 -22.48 14.21
N VAL A 40 13.34 -22.78 13.49
CA VAL A 40 13.26 -22.83 12.03
C VAL A 40 12.72 -24.22 11.74
N ASP A 41 11.83 -24.31 10.76
CA ASP A 41 11.19 -25.56 10.40
C ASP A 41 12.18 -26.69 10.24
N GLU A 42 11.82 -27.83 10.80
CA GLU A 42 12.66 -29.02 10.75
C GLU A 42 12.58 -29.66 9.37
N THR A 43 11.45 -29.50 8.69
CA THR A 43 11.30 -30.08 7.35
C THR A 43 12.22 -29.34 6.40
N VAL A 44 12.31 -28.03 6.63
CA VAL A 44 13.14 -27.15 5.82
C VAL A 44 14.63 -27.41 5.98
N LYS A 45 15.10 -27.40 7.22
CA LYS A 45 16.50 -27.63 7.46
C LYS A 45 16.94 -29.00 6.97
N ARG A 46 15.99 -29.94 6.97
CA ARG A 46 16.24 -31.30 6.51
C ARG A 46 16.35 -31.21 5.01
N LEU A 47 15.34 -30.61 4.40
CA LEU A 47 15.29 -30.45 2.95
C LEU A 47 16.49 -29.69 2.37
N LEU A 48 16.97 -28.69 3.10
CA LEU A 48 18.11 -27.91 2.65
C LEU A 48 19.39 -28.71 2.87
N ALA A 49 19.48 -29.38 4.01
CA ALA A 49 20.66 -30.20 4.35
C ALA A 49 20.79 -31.36 3.38
N GLU A 50 19.68 -31.74 2.79
CA GLU A 50 19.63 -32.83 1.82
C GLU A 50 20.22 -32.28 0.51
N ARG A 51 20.27 -30.95 0.39
CA ARG A 51 20.80 -30.24 -0.78
C ARG A 51 22.14 -29.60 -0.40
N GLY A 52 22.65 -29.97 0.77
CA GLY A 52 23.91 -29.45 1.24
C GLY A 52 23.83 -28.01 1.70
N LEU A 53 22.67 -27.63 2.23
CA LEU A 53 22.44 -26.27 2.68
C LEU A 53 22.03 -26.18 4.16
N LYS A 54 22.63 -25.23 4.87
CA LYS A 54 22.30 -25.02 6.27
C LYS A 54 21.32 -23.86 6.35
N ALA A 55 20.16 -24.09 6.96
CA ALA A 55 19.16 -23.03 7.11
C ALA A 55 19.65 -22.05 8.18
N LYS A 56 18.94 -20.95 8.35
CA LYS A 56 19.30 -19.95 9.36
C LYS A 56 19.20 -20.63 10.73
N GLU A 57 20.07 -20.20 11.65
CA GLU A 57 20.10 -20.78 12.99
C GLU A 57 18.80 -20.55 13.75
N LYS A 58 18.28 -19.34 13.67
CA LYS A 58 17.04 -19.00 14.37
C LYS A 58 16.30 -17.88 13.64
N PRO A 59 14.97 -17.96 13.59
CA PRO A 59 14.14 -16.94 12.93
C PRO A 59 14.39 -15.55 13.52
N ARG A 60 14.57 -14.55 12.66
CA ARG A 60 14.77 -13.19 13.14
C ARG A 60 13.65 -12.28 12.66
N THR A 61 12.93 -11.71 13.60
CA THR A 61 11.84 -10.82 13.26
C THR A 61 12.39 -9.60 12.51
N VAL A 62 11.58 -9.05 11.62
CA VAL A 62 11.96 -7.90 10.82
C VAL A 62 12.15 -6.65 11.69
N ASP A 63 11.71 -6.74 12.94
CA ASP A 63 11.82 -5.64 13.89
C ASP A 63 13.27 -5.49 14.36
N GLU A 64 13.97 -6.63 14.50
CA GLU A 64 15.36 -6.67 14.94
C GLU A 64 16.27 -6.34 13.74
N VAL A 65 15.69 -5.82 12.67
CA VAL A 65 16.45 -5.51 11.45
C VAL A 65 16.15 -4.15 10.81
N ASN A 66 17.21 -3.38 10.55
CA ASN A 66 17.08 -2.06 9.92
C ASN A 66 17.06 -2.20 8.40
N LEU A 67 15.84 -2.21 7.86
CA LEU A 67 15.58 -2.36 6.43
C LEU A 67 16.42 -1.61 5.43
N ASP A 68 16.70 -0.34 5.70
CA ASP A 68 17.47 0.46 4.76
C ASP A 68 18.82 -0.15 4.33
N ASP A 69 19.30 -1.12 5.11
CA ASP A 69 20.54 -1.81 4.80
C ASP A 69 20.48 -2.57 3.48
N PHE A 70 19.27 -3.04 3.14
CA PHE A 70 19.03 -3.84 1.94
C PHE A 70 18.77 -3.01 0.67
N ASP A 71 18.85 -3.64 -0.50
CA ASP A 71 18.62 -2.92 -1.74
C ASP A 71 17.50 -3.47 -2.58
N LEU A 72 16.85 -4.49 -2.05
CA LEU A 72 15.70 -5.13 -2.69
C LEU A 72 15.11 -6.06 -1.67
N ILE A 73 13.97 -5.69 -1.11
CA ILE A 73 13.33 -6.54 -0.13
C ILE A 73 12.16 -7.25 -0.79
N VAL A 74 12.34 -8.54 -1.05
CA VAL A 74 11.32 -9.37 -1.67
C VAL A 74 10.41 -9.88 -0.54
N THR A 75 9.11 -9.68 -0.70
CA THR A 75 8.13 -10.10 0.30
C THR A 75 7.35 -11.35 -0.15
N VAL A 76 7.46 -12.42 0.63
CA VAL A 76 6.75 -13.65 0.31
C VAL A 76 5.36 -13.56 0.91
N CYS A 77 4.40 -13.15 0.08
CA CYS A 77 3.00 -12.98 0.49
C CYS A 77 2.15 -14.26 0.42
N GLU A 78 1.00 -14.21 1.10
CA GLU A 78 0.05 -15.31 1.16
C GLU A 78 -0.85 -15.28 -0.08
N GLU A 79 -1.91 -16.08 -0.08
CA GLU A 79 -2.85 -16.12 -1.21
C GLU A 79 -3.50 -14.75 -1.47
N SER A 80 -3.67 -13.97 -0.42
CA SER A 80 -4.29 -12.66 -0.54
C SER A 80 -4.02 -11.75 0.64
N SER A 81 -2.76 -11.62 1.00
CA SER A 81 -2.41 -10.75 2.13
C SER A 81 -0.93 -10.43 2.18
N CYS A 82 -0.50 -9.62 1.21
CA CYS A 82 0.89 -9.19 1.13
C CYS A 82 1.14 -8.08 2.14
N VAL A 83 1.99 -8.38 3.10
CA VAL A 83 2.34 -7.42 4.14
C VAL A 83 3.24 -6.31 3.54
N VAL A 84 3.02 -5.08 3.96
CA VAL A 84 3.82 -3.96 3.48
C VAL A 84 4.80 -3.57 4.58
N LEU A 85 5.99 -3.15 4.19
CA LEU A 85 7.00 -2.75 5.16
C LEU A 85 7.25 -1.26 5.10
N PRO A 86 7.76 -0.68 6.20
CA PRO A 86 8.07 0.75 6.34
C PRO A 86 9.31 1.22 5.56
N THR A 87 9.22 1.20 4.24
CA THR A 87 10.34 1.61 3.42
C THR A 87 9.95 2.09 2.02
N ASP A 88 10.40 3.30 1.64
CA ASP A 88 10.14 3.86 0.30
C ASP A 88 11.15 3.13 -0.64
N LYS A 89 11.84 2.11 -0.12
CA LYS A 89 12.80 1.27 -0.86
C LYS A 89 12.10 0.32 -1.84
N PRO A 90 12.88 -0.42 -2.65
CA PRO A 90 12.27 -1.36 -3.60
C PRO A 90 11.89 -2.69 -2.97
N VAL A 91 10.66 -3.13 -3.22
CA VAL A 91 10.16 -4.39 -2.68
C VAL A 91 9.17 -5.09 -3.63
N THR A 92 9.35 -6.40 -3.80
CA THR A 92 8.47 -7.20 -4.67
C THR A 92 7.55 -8.09 -3.82
N ARG A 93 6.69 -8.85 -4.47
CA ARG A 93 5.76 -9.73 -3.77
C ARG A 93 5.66 -11.10 -4.45
N TRP A 94 5.93 -12.15 -3.69
CA TRP A 94 5.84 -13.49 -4.22
C TRP A 94 4.73 -14.24 -3.54
N HIS A 95 3.72 -14.63 -4.29
CA HIS A 95 2.62 -15.39 -3.71
C HIS A 95 3.04 -16.87 -3.71
N ILE A 96 3.43 -17.35 -2.53
CA ILE A 96 3.89 -18.72 -2.38
C ILE A 96 3.11 -19.48 -1.31
N GLU A 97 2.62 -20.65 -1.70
CA GLU A 97 1.86 -21.54 -0.83
C GLU A 97 2.56 -21.77 0.48
N ASN A 98 1.83 -21.61 1.57
CA ASN A 98 2.38 -21.80 2.90
C ASN A 98 2.48 -23.30 3.17
N PRO A 99 3.71 -23.86 3.21
CA PRO A 99 3.89 -25.29 3.46
C PRO A 99 3.58 -25.73 4.88
N ALA A 100 3.63 -24.79 5.82
CA ALA A 100 3.38 -25.06 7.24
C ALA A 100 2.26 -26.03 7.56
N GLY A 101 2.62 -27.10 8.26
CA GLY A 101 1.65 -28.11 8.65
C GLY A 101 1.45 -29.15 7.58
N LYS A 102 1.19 -28.68 6.36
CA LYS A 102 0.96 -29.55 5.22
C LYS A 102 2.03 -30.65 5.16
N ASP A 103 3.21 -30.30 5.64
CA ASP A 103 4.37 -31.19 5.65
C ASP A 103 4.53 -32.01 4.36
N GLU A 104 4.53 -33.33 4.47
CA GLU A 104 4.68 -34.22 3.30
C GLU A 104 5.66 -33.72 2.21
N GLY A 105 5.24 -33.86 0.95
CA GLY A 105 6.06 -33.41 -0.16
C GLY A 105 5.77 -31.98 -0.53
N THR A 106 4.67 -31.41 0.00
CA THR A 106 4.29 -30.03 -0.26
C THR A 106 5.45 -29.09 -0.02
N TYR A 107 6.24 -29.38 1.01
CA TYR A 107 7.40 -28.57 1.33
C TYR A 107 8.38 -28.56 0.16
N ARG A 108 8.65 -29.73 -0.41
CA ARG A 108 9.56 -29.82 -1.54
C ARG A 108 9.02 -29.02 -2.71
N ARG A 109 7.71 -29.10 -2.92
CA ARG A 109 7.06 -28.36 -4.00
C ARG A 109 7.29 -26.85 -3.76
N VAL A 110 7.13 -26.42 -2.52
CA VAL A 110 7.34 -25.02 -2.14
C VAL A 110 8.80 -24.67 -2.38
N LEU A 111 9.69 -25.60 -2.06
CA LEU A 111 11.12 -25.37 -2.24
C LEU A 111 11.44 -25.11 -3.71
N ALA A 112 10.87 -25.92 -4.58
CA ALA A 112 11.11 -25.80 -6.00
C ALA A 112 10.65 -24.47 -6.56
N GLU A 113 9.45 -24.02 -6.21
CA GLU A 113 8.93 -22.76 -6.70
C GLU A 113 9.83 -21.63 -6.29
N ILE A 114 10.21 -21.62 -5.02
CA ILE A 114 11.11 -20.61 -4.51
C ILE A 114 12.41 -20.63 -5.33
N GLU A 115 12.85 -21.83 -5.68
CA GLU A 115 14.08 -22.03 -6.44
C GLU A 115 13.96 -21.51 -7.86
N GLU A 116 12.83 -21.79 -8.50
CA GLU A 116 12.57 -21.32 -9.86
C GLU A 116 12.56 -19.80 -9.84
N ARG A 117 12.01 -19.24 -8.77
CA ARG A 117 11.91 -17.80 -8.62
C ARG A 117 13.24 -17.17 -8.25
N VAL A 118 14.00 -17.79 -7.36
CA VAL A 118 15.28 -17.25 -6.96
C VAL A 118 16.23 -17.28 -8.16
N LYS A 119 16.25 -18.40 -8.86
CA LYS A 119 17.08 -18.60 -10.04
C LYS A 119 16.83 -17.47 -11.03
N LYS A 120 15.55 -17.26 -11.32
CA LYS A 120 15.12 -16.22 -12.24
C LYS A 120 15.55 -14.84 -11.71
N LEU A 121 15.24 -14.57 -10.43
CA LEU A 121 15.59 -13.31 -9.77
C LEU A 121 17.07 -13.01 -9.77
N VAL A 122 17.89 -14.05 -9.65
CA VAL A 122 19.33 -13.89 -9.61
C VAL A 122 19.87 -13.46 -11.00
N GLY A 123 18.96 -13.07 -11.88
CA GLY A 123 19.36 -12.58 -13.19
C GLY A 123 20.05 -11.24 -12.97
N GLU A 124 19.65 -10.55 -11.90
CA GLU A 124 20.22 -9.25 -11.53
C GLU A 124 20.28 -9.07 -10.00
N LYS B 1 14.52 -3.87 -18.53
CA LYS B 1 14.15 -2.42 -18.47
C LYS B 1 13.40 -1.97 -17.22
N VAL B 2 13.57 -0.69 -16.88
CA VAL B 2 12.93 -0.06 -15.73
C VAL B 2 11.87 0.94 -16.20
N LEU B 3 10.86 1.22 -15.36
CA LEU B 3 9.82 2.18 -15.74
C LEU B 3 9.76 3.30 -14.73
N PHE B 4 9.92 4.53 -15.21
CA PHE B 4 9.87 5.71 -14.37
C PHE B 4 8.49 6.31 -14.52
N VAL B 5 7.70 6.23 -13.46
CA VAL B 5 6.36 6.78 -13.51
C VAL B 5 6.09 7.84 -12.45
N CYS B 6 5.47 8.91 -12.88
CA CYS B 6 5.12 9.99 -11.99
C CYS B 6 3.67 10.30 -12.34
N ILE B 7 3.11 11.33 -11.72
CA ILE B 7 1.73 11.69 -11.99
C ILE B 7 1.48 12.13 -13.43
N HIS B 8 1.69 13.41 -13.70
CA HIS B 8 1.44 13.98 -15.01
C HIS B 8 2.42 13.63 -16.18
N ASN B 9 3.57 13.01 -15.86
CA ASN B 9 4.55 12.60 -16.90
C ASN B 9 4.92 13.66 -17.94
N THR B 10 5.63 14.69 -17.50
CA THR B 10 6.02 15.76 -18.40
C THR B 10 7.48 16.15 -18.22
N ALA B 11 7.97 16.04 -17.00
CA ALA B 11 9.33 16.40 -16.68
C ALA B 11 10.20 15.28 -16.08
N ARG B 12 10.16 15.17 -14.74
CA ARG B 12 10.95 14.19 -14.00
C ARG B 12 10.94 12.80 -14.61
N SER B 13 9.75 12.31 -14.91
CA SER B 13 9.58 10.98 -15.49
C SER B 13 10.50 10.91 -16.69
N VAL B 14 10.37 11.92 -17.53
CA VAL B 14 11.15 12.01 -18.75
C VAL B 14 12.62 12.22 -18.50
N MET B 15 12.96 12.97 -17.46
CA MET B 15 14.36 13.22 -17.16
C MET B 15 15.07 11.91 -16.83
N ALA B 16 14.57 11.23 -15.81
CA ALA B 16 15.15 9.96 -15.35
C ALA B 16 15.35 8.93 -16.47
N GLU B 17 14.38 8.85 -17.38
CA GLU B 17 14.47 7.94 -18.50
C GLU B 17 15.71 8.24 -19.31
N ALA B 18 15.76 9.45 -19.89
CA ALA B 18 16.89 9.91 -20.72
C ALA B 18 18.28 9.76 -20.07
N LEU B 19 18.39 10.12 -18.79
CA LEU B 19 19.65 10.00 -18.06
C LEU B 19 20.02 8.54 -17.83
N PHE B 20 19.02 7.75 -17.47
CA PHE B 20 19.22 6.33 -17.22
C PHE B 20 19.84 5.72 -18.46
N ASN B 21 19.15 5.84 -19.58
CA ASN B 21 19.61 5.29 -20.85
C ASN B 21 21.02 5.72 -21.24
N ALA B 22 21.40 6.95 -20.90
CA ALA B 22 22.73 7.45 -21.23
C ALA B 22 23.78 6.84 -20.29
N MET B 23 23.33 6.18 -19.23
CA MET B 23 24.23 5.58 -18.28
C MET B 23 24.22 4.05 -18.22
N ALA B 24 23.07 3.45 -18.52
CA ALA B 24 22.91 2.00 -18.51
C ALA B 24 23.42 1.36 -19.78
N LYS B 25 24.12 0.24 -19.63
CA LYS B 25 24.65 -0.47 -20.79
C LYS B 25 23.65 -1.51 -21.28
N SER B 26 23.24 -2.41 -20.39
CA SER B 26 22.30 -3.46 -20.79
C SER B 26 20.83 -3.11 -20.56
N TRP B 27 20.53 -2.50 -19.41
CA TRP B 27 19.15 -2.10 -19.11
C TRP B 27 18.74 -0.91 -19.96
N LYS B 28 17.45 -0.80 -20.23
CA LYS B 28 16.90 0.32 -20.96
C LYS B 28 15.85 0.93 -20.05
N ALA B 29 15.20 2.00 -20.49
CA ALA B 29 14.19 2.65 -19.67
C ALA B 29 13.05 3.24 -20.45
N GLU B 30 11.90 3.37 -19.79
CA GLU B 30 10.71 3.97 -20.36
C GLU B 30 10.06 4.76 -19.23
N SER B 31 9.02 5.53 -19.56
CA SER B 31 8.32 6.30 -18.55
C SER B 31 6.82 6.30 -18.78
N ALA B 32 6.06 6.63 -17.74
CA ALA B 32 4.61 6.68 -17.87
C ALA B 32 4.03 7.52 -16.74
N GLY B 33 2.78 7.95 -16.90
CA GLY B 33 2.15 8.75 -15.87
C GLY B 33 0.77 8.31 -15.46
N VAL B 34 0.35 8.73 -14.28
CA VAL B 34 -0.96 8.43 -13.75
C VAL B 34 -2.09 9.18 -14.48
N GLU B 35 -1.81 10.39 -14.94
CA GLU B 35 -2.80 11.21 -15.64
C GLU B 35 -2.30 11.82 -16.94
N LYS B 36 -3.22 12.03 -17.88
CA LYS B 36 -2.90 12.59 -19.19
C LYS B 36 -2.24 13.98 -19.21
N ALA B 37 -1.38 14.17 -20.20
CA ALA B 37 -0.66 15.42 -20.41
C ALA B 37 -0.39 15.52 -21.91
N GLU B 38 -0.62 16.71 -22.46
CA GLU B 38 -0.45 16.95 -23.89
C GLU B 38 1.01 17.09 -24.34
N ARG B 39 1.78 17.89 -23.59
CA ARG B 39 3.17 18.16 -23.95
C ARG B 39 4.25 17.86 -22.93
N VAL B 40 5.43 17.49 -23.40
CA VAL B 40 6.54 17.25 -22.48
C VAL B 40 7.08 18.65 -22.19
N ASP B 41 7.49 18.88 -20.96
CA ASP B 41 8.00 20.17 -20.54
C ASP B 41 9.07 20.71 -21.47
N GLU B 42 8.95 21.99 -21.79
CA GLU B 42 9.89 22.67 -22.67
C GLU B 42 11.20 22.94 -21.94
N THR B 43 11.12 23.19 -20.64
CA THR B 43 12.31 23.45 -19.85
C THR B 43 13.17 22.21 -19.84
N VAL B 44 12.51 21.06 -19.73
CA VAL B 44 13.17 19.78 -19.69
C VAL B 44 13.84 19.42 -20.98
N LYS B 45 13.09 19.48 -22.07
CA LYS B 45 13.67 19.12 -23.36
C LYS B 45 14.81 20.07 -23.71
N ARG B 46 14.75 21.28 -23.18
CA ARG B 46 15.79 22.27 -23.41
C ARG B 46 16.97 21.81 -22.58
N LEU B 47 16.72 21.59 -21.29
CA LEU B 47 17.75 21.14 -20.35
C LEU B 47 18.44 19.82 -20.75
N LEU B 48 17.70 18.90 -21.35
CA LEU B 48 18.27 17.64 -21.78
C LEU B 48 19.03 17.83 -23.08
N ALA B 49 18.48 18.65 -23.96
CA ALA B 49 19.11 18.93 -25.26
C ALA B 49 20.42 19.69 -25.05
N GLU B 50 20.51 20.38 -23.92
CA GLU B 50 21.69 21.15 -23.54
C GLU B 50 22.76 20.14 -23.11
N ARG B 51 22.31 18.93 -22.77
CA ARG B 51 23.18 17.83 -22.35
C ARG B 51 23.25 16.78 -23.46
N GLY B 52 22.75 17.16 -24.65
CA GLY B 52 22.76 16.26 -25.80
C GLY B 52 21.78 15.11 -25.66
N LEU B 53 20.63 15.39 -25.05
CA LEU B 53 19.61 14.37 -24.83
C LEU B 53 18.23 14.81 -25.37
N LYS B 54 17.56 13.88 -26.05
CA LYS B 54 16.22 14.16 -26.57
C LYS B 54 15.21 13.55 -25.60
N ALA B 55 14.30 14.37 -25.11
CA ALA B 55 13.27 13.88 -24.20
C ALA B 55 12.29 13.05 -25.00
N LYS B 56 11.32 12.43 -24.31
CA LYS B 56 10.30 11.64 -24.97
C LYS B 56 9.46 12.57 -25.84
N GLU B 57 9.00 12.06 -26.99
CA GLU B 57 8.20 12.84 -27.94
C GLU B 57 6.91 13.36 -27.33
N LYS B 58 6.20 12.48 -26.62
CA LYS B 58 4.92 12.84 -26.00
C LYS B 58 4.67 12.00 -24.75
N PRO B 59 4.12 12.60 -23.69
CA PRO B 59 3.83 11.89 -22.44
C PRO B 59 2.92 10.68 -22.66
N ARG B 60 3.26 9.54 -22.07
CA ARG B 60 2.41 8.37 -22.22
C ARG B 60 1.86 7.95 -20.85
N THR B 61 0.55 7.93 -20.74
CA THR B 61 -0.09 7.55 -19.48
C THR B 61 0.24 6.08 -19.18
N VAL B 62 0.31 5.73 -17.90
CA VAL B 62 0.62 4.38 -17.47
C VAL B 62 -0.48 3.38 -17.85
N ASP B 63 -1.60 3.91 -18.32
CA ASP B 63 -2.74 3.11 -18.75
C ASP B 63 -2.49 2.47 -20.11
N GLU B 64 -1.80 3.22 -20.98
CA GLU B 64 -1.46 2.75 -22.32
C GLU B 64 -0.22 1.83 -22.25
N VAL B 65 0.11 1.36 -21.04
CA VAL B 65 1.30 0.52 -20.82
C VAL B 65 1.09 -0.70 -19.90
N ASN B 66 1.46 -1.87 -20.40
CA ASN B 66 1.33 -3.10 -19.64
C ASN B 66 2.56 -3.30 -18.75
N LEU B 67 2.39 -2.91 -17.49
CA LEU B 67 3.43 -2.98 -16.47
C LEU B 67 4.31 -4.22 -16.36
N ASP B 68 3.71 -5.40 -16.48
CA ASP B 68 4.47 -6.64 -16.35
C ASP B 68 5.71 -6.75 -17.27
N ASP B 69 5.73 -5.94 -18.31
CA ASP B 69 6.86 -5.94 -19.25
C ASP B 69 8.18 -5.53 -18.58
N PHE B 70 8.07 -4.67 -17.57
CA PHE B 70 9.23 -4.14 -16.84
C PHE B 70 9.71 -5.02 -15.70
N ASP B 71 10.92 -4.76 -15.21
CA ASP B 71 11.47 -5.55 -14.14
C ASP B 71 11.78 -4.78 -12.88
N LEU B 72 11.48 -3.48 -12.89
CA LEU B 72 11.71 -2.60 -11.76
C LEU B 72 11.02 -1.31 -12.10
N ILE B 73 9.91 -1.03 -11.44
CA ILE B 73 9.20 0.20 -11.73
C ILE B 73 9.46 1.19 -10.59
N VAL B 74 10.27 2.20 -10.88
CA VAL B 74 10.60 3.22 -9.90
C VAL B 74 9.52 4.28 -10.00
N THR B 75 8.96 4.61 -8.85
CA THR B 75 7.88 5.60 -8.76
C THR B 75 8.39 6.92 -8.16
N VAL B 76 8.31 8.00 -8.94
CA VAL B 76 8.73 9.32 -8.45
C VAL B 76 7.56 9.96 -7.72
N CYS B 77 7.59 9.82 -6.41
CA CYS B 77 6.53 10.33 -5.54
C CYS B 77 6.71 11.80 -5.13
N GLU B 78 5.62 12.38 -4.63
CA GLU B 78 5.57 13.78 -4.17
C GLU B 78 6.09 13.85 -2.73
N GLU B 79 5.92 15.01 -2.08
CA GLU B 79 6.38 15.18 -0.70
C GLU B 79 5.70 14.20 0.26
N SER B 80 4.46 13.83 -0.06
CA SER B 80 3.69 12.91 0.79
C SER B 80 2.52 12.23 0.07
N SER B 81 2.78 11.67 -1.09
CA SER B 81 1.73 11.00 -1.83
C SER B 81 2.26 10.11 -2.95
N CYS B 82 2.88 9.00 -2.52
CA CYS B 82 3.42 8.03 -3.45
C CYS B 82 2.28 7.18 -4.00
N VAL B 83 2.07 7.27 -5.32
CA VAL B 83 1.03 6.52 -5.98
C VAL B 83 1.45 5.05 -6.08
N VAL B 84 0.51 4.13 -5.86
CA VAL B 84 0.79 2.70 -5.95
C VAL B 84 0.26 2.18 -7.28
N LEU B 85 0.96 1.23 -7.88
CA LEU B 85 0.52 0.66 -9.14
C LEU B 85 0.04 -0.78 -8.98
N PRO B 86 -0.83 -1.23 -9.89
CA PRO B 86 -1.39 -2.59 -9.90
C PRO B 86 -0.38 -3.68 -10.27
N THR B 87 0.61 -3.92 -9.42
CA THR B 87 1.60 -4.95 -9.71
C THR B 87 2.30 -5.53 -8.49
N ASP B 88 2.31 -6.86 -8.39
CA ASP B 88 3.00 -7.56 -7.29
C ASP B 88 4.52 -7.51 -7.64
N LYS B 89 4.86 -6.79 -8.72
CA LYS B 89 6.25 -6.59 -9.19
C LYS B 89 7.07 -5.65 -8.28
N PRO B 90 8.40 -5.55 -8.53
CA PRO B 90 9.25 -4.67 -7.72
C PRO B 90 9.12 -3.19 -8.09
N VAL B 91 8.90 -2.33 -7.09
CA VAL B 91 8.76 -0.90 -7.31
C VAL B 91 9.31 -0.09 -6.15
N THR B 92 10.09 0.95 -6.47
CA THR B 92 10.68 1.85 -5.45
C THR B 92 9.97 3.20 -5.48
N ARG B 93 10.35 4.08 -4.56
CA ARG B 93 9.74 5.42 -4.47
C ARG B 93 10.78 6.50 -4.27
N TRP B 94 10.78 7.49 -5.16
CA TRP B 94 11.74 8.59 -5.05
C TRP B 94 10.98 9.86 -4.78
N HIS B 95 11.23 10.45 -3.62
CA HIS B 95 10.57 11.71 -3.30
C HIS B 95 11.38 12.83 -3.94
N ILE B 96 10.86 13.36 -5.04
CA ILE B 96 11.55 14.39 -5.78
C ILE B 96 10.67 15.60 -5.96
N GLU B 97 11.24 16.76 -5.63
CA GLU B 97 10.57 18.05 -5.74
C GLU B 97 9.99 18.24 -7.14
N ASN B 98 8.75 18.66 -7.19
CA ASN B 98 8.04 18.88 -8.45
C ASN B 98 8.51 20.22 -9.02
N PRO B 99 9.28 20.19 -10.13
CA PRO B 99 9.77 21.42 -10.74
C PRO B 99 8.71 22.26 -11.44
N ALA B 100 7.61 21.63 -11.82
CA ALA B 100 6.51 22.29 -12.52
C ALA B 100 6.12 23.70 -12.03
N GLY B 101 6.18 24.65 -12.95
CA GLY B 101 5.83 26.03 -12.63
C GLY B 101 6.99 26.81 -12.06
N LYS B 102 7.64 26.23 -11.05
CA LYS B 102 8.79 26.83 -10.39
C LYS B 102 9.82 27.34 -11.41
N ASP B 103 9.87 26.66 -12.54
CA ASP B 103 10.78 26.94 -13.64
C ASP B 103 12.20 27.30 -13.19
N GLU B 104 12.68 28.48 -13.55
CA GLU B 104 14.01 28.96 -13.17
C GLU B 104 15.12 27.89 -13.18
N GLY B 105 15.93 27.91 -12.13
CA GLY B 105 17.00 26.95 -11.98
C GLY B 105 16.56 25.72 -11.23
N THR B 106 15.39 25.79 -10.58
CA THR B 106 14.81 24.67 -9.82
C THR B 106 14.78 23.39 -10.68
N TYR B 107 14.47 23.55 -11.97
CA TYR B 107 14.44 22.42 -12.88
C TYR B 107 15.80 21.73 -12.93
N ARG B 108 16.86 22.51 -13.08
CA ARG B 108 18.21 21.96 -13.12
C ARG B 108 18.53 21.24 -11.80
N ARG B 109 18.10 21.80 -10.69
CA ARG B 109 18.35 21.18 -9.39
C ARG B 109 17.64 19.83 -9.38
N VAL B 110 16.43 19.79 -9.91
CA VAL B 110 15.67 18.55 -9.98
C VAL B 110 16.43 17.60 -10.90
N LEU B 111 16.93 18.11 -12.02
CA LEU B 111 17.68 17.28 -12.94
C LEU B 111 18.86 16.62 -12.25
N ALA B 112 19.59 17.39 -11.46
CA ALA B 112 20.76 16.88 -10.77
C ALA B 112 20.43 15.75 -9.82
N GLU B 113 19.38 15.90 -9.00
CA GLU B 113 18.98 14.87 -8.04
C GLU B 113 18.62 13.59 -8.75
N ILE B 114 17.81 13.72 -9.80
CA ILE B 114 17.42 12.57 -10.56
C ILE B 114 18.68 11.86 -11.09
N GLU B 115 19.68 12.65 -11.45
CA GLU B 115 20.96 12.15 -11.99
C GLU B 115 21.79 11.44 -10.95
N GLU B 116 21.82 12.01 -9.75
CA GLU B 116 22.53 11.45 -8.62
C GLU B 116 21.87 10.11 -8.28
N ARG B 117 20.55 10.07 -8.41
CA ARG B 117 19.80 8.87 -8.10
C ARG B 117 19.89 7.84 -9.22
N VAL B 118 19.80 8.27 -10.46
CA VAL B 118 19.89 7.33 -11.57
C VAL B 118 21.28 6.71 -11.60
N LYS B 119 22.31 7.54 -11.47
CA LYS B 119 23.71 7.10 -11.44
C LYS B 119 23.87 5.99 -10.41
N LYS B 120 23.41 6.26 -9.20
CA LYS B 120 23.47 5.30 -8.11
C LYS B 120 22.68 4.03 -8.44
N LEU B 121 21.44 4.22 -8.92
CA LEU B 121 20.55 3.10 -9.29
C LEU B 121 21.15 2.23 -10.39
N VAL B 122 21.88 2.83 -11.31
CA VAL B 122 22.48 2.08 -12.41
C VAL B 122 23.62 1.16 -11.91
N GLY B 123 23.69 1.00 -10.59
CA GLY B 123 24.69 0.12 -10.02
C GLY B 123 24.30 -1.30 -10.40
N GLU B 124 23.00 -1.51 -10.58
CA GLU B 124 22.43 -2.81 -10.93
C GLU B 124 21.18 -2.65 -11.83
N LYS C 1 -15.71 14.58 10.30
CA LYS C 1 -15.66 14.94 8.84
C LYS C 1 -14.84 13.96 8.00
N VAL C 2 -15.13 13.95 6.69
CA VAL C 2 -14.45 13.07 5.74
C VAL C 2 -13.61 13.95 4.80
N LEU C 3 -12.60 13.36 4.16
CA LEU C 3 -11.76 14.11 3.21
C LEU C 3 -11.76 13.41 1.86
N PHE C 4 -12.15 14.15 0.84
CA PHE C 4 -12.19 13.63 -0.52
C PHE C 4 -10.93 14.13 -1.23
N VAL C 5 -10.00 13.22 -1.50
CA VAL C 5 -8.79 13.61 -2.17
C VAL C 5 -8.58 12.90 -3.49
N CYS C 6 -8.19 13.65 -4.50
CA CYS C 6 -7.89 13.10 -5.81
C CYS C 6 -6.54 13.68 -6.19
N ILE C 7 -6.11 13.49 -7.44
CA ILE C 7 -4.82 14.02 -7.84
C ILE C 7 -4.82 15.54 -7.89
N HIS C 8 -5.21 16.08 -9.03
CA HIS C 8 -5.22 17.51 -9.26
C HIS C 8 -6.24 18.39 -8.48
N ASN C 9 -7.26 17.79 -7.87
CA ASN C 9 -8.26 18.54 -7.09
C ASN C 9 -8.92 19.74 -7.79
N THR C 10 -9.72 19.46 -8.81
CA THR C 10 -10.36 20.53 -9.55
C THR C 10 -11.85 20.23 -9.81
N ALA C 11 -12.17 18.95 -9.96
CA ALA C 11 -13.53 18.51 -10.24
C ALA C 11 -14.15 17.52 -9.23
N ARG C 12 -13.92 16.22 -9.47
CA ARG C 12 -14.43 15.16 -8.63
C ARG C 12 -14.29 15.41 -7.14
N SER C 13 -13.08 15.72 -6.72
CA SER C 13 -12.82 15.98 -5.31
C SER C 13 -13.84 16.98 -4.82
N VAL C 14 -13.97 18.06 -5.58
CA VAL C 14 -14.88 19.12 -5.25
C VAL C 14 -16.34 18.70 -5.35
N MET C 15 -16.68 17.87 -6.33
CA MET C 15 -18.07 17.42 -6.47
C MET C 15 -18.51 16.63 -5.23
N ALA C 16 -17.79 15.57 -4.91
CA ALA C 16 -18.12 14.74 -3.76
C ALA C 16 -18.31 15.56 -2.49
N GLU C 17 -17.44 16.53 -2.28
CA GLU C 17 -17.52 17.38 -1.09
C GLU C 17 -18.89 18.05 -0.99
N ALA C 18 -19.19 18.85 -2.01
CA ALA C 18 -20.44 19.60 -2.07
C ALA C 18 -21.70 18.73 -1.92
N LEU C 19 -21.72 17.59 -2.63
CA LEU C 19 -22.85 16.67 -2.57
C LEU C 19 -22.97 16.03 -1.18
N PHE C 20 -21.83 15.66 -0.62
CA PHE C 20 -21.78 15.07 0.70
C PHE C 20 -22.46 16.01 1.68
N ASN C 21 -21.93 17.23 1.76
CA ASN C 21 -22.43 18.26 2.66
C ASN C 21 -23.93 18.53 2.53
N ALA C 22 -24.46 18.43 1.31
CA ALA C 22 -25.87 18.64 1.07
C ALA C 22 -26.70 17.43 1.52
N MET C 23 -26.04 16.33 1.86
CA MET C 23 -26.71 15.12 2.28
C MET C 23 -26.44 14.69 3.72
N ALA C 24 -25.27 15.01 4.24
CA ALA C 24 -24.94 14.66 5.61
C ALA C 24 -25.49 15.66 6.62
N LYS C 25 -25.98 15.16 7.75
CA LYS C 25 -26.52 16.03 8.77
C LYS C 25 -25.44 16.38 9.77
N SER C 26 -24.81 15.36 10.36
CA SER C 26 -23.77 15.63 11.34
C SER C 26 -22.35 15.73 10.77
N TRP C 27 -22.01 14.82 9.85
CA TRP C 27 -20.68 14.83 9.24
C TRP C 27 -20.53 15.99 8.28
N LYS C 28 -19.29 16.45 8.14
CA LYS C 28 -18.96 17.52 7.21
C LYS C 28 -17.92 16.95 6.24
N ALA C 29 -17.53 17.73 5.26
CA ALA C 29 -16.55 17.26 4.29
C ALA C 29 -15.60 18.35 3.80
N GLU C 30 -14.44 17.91 3.36
CA GLU C 30 -13.41 18.79 2.81
C GLU C 30 -12.77 18.00 1.69
N SER C 31 -11.94 18.67 0.90
CA SER C 31 -11.25 18.01 -0.20
C SER C 31 -9.80 18.45 -0.30
N ALA C 32 -8.96 17.63 -0.92
CA ALA C 32 -7.54 17.95 -1.10
C ALA C 32 -6.98 17.21 -2.31
N GLY C 33 -5.83 17.65 -2.80
CA GLY C 33 -5.24 17.00 -3.95
C GLY C 33 -3.76 16.66 -3.78
N VAL C 34 -3.28 15.75 -4.60
CA VAL C 34 -1.89 15.33 -4.57
C VAL C 34 -0.99 16.40 -5.22
N GLU C 35 -1.50 17.08 -6.23
CA GLU C 35 -0.72 18.10 -6.92
C GLU C 35 -1.47 19.41 -7.12
N LYS C 36 -0.70 20.50 -7.19
CA LYS C 36 -1.24 21.85 -7.35
C LYS C 36 -2.09 22.11 -8.60
N ALA C 37 -3.05 23.00 -8.43
CA ALA C 37 -3.95 23.43 -9.48
C ALA C 37 -4.41 24.84 -9.14
N GLU C 38 -4.49 25.68 -10.16
CA GLU C 38 -4.87 27.09 -9.99
C GLU C 38 -6.39 27.31 -9.82
N ARG C 39 -7.16 26.72 -10.72
CA ARG C 39 -8.62 26.89 -10.72
C ARG C 39 -9.50 25.65 -10.56
N VAL C 40 -10.67 25.84 -9.96
CA VAL C 40 -11.61 24.73 -9.83
C VAL C 40 -12.33 24.70 -11.17
N ASP C 41 -12.58 23.49 -11.69
CA ASP C 41 -13.21 23.33 -12.98
C ASP C 41 -14.45 24.19 -13.15
N GLU C 42 -14.56 24.82 -14.32
CA GLU C 42 -15.70 25.68 -14.63
C GLU C 42 -16.93 24.87 -14.95
N THR C 43 -16.73 23.67 -15.49
CA THR C 43 -17.84 22.78 -15.81
C THR C 43 -18.50 22.33 -14.51
N VAL C 44 -17.66 22.06 -13.52
CA VAL C 44 -18.11 21.60 -12.22
C VAL C 44 -18.90 22.66 -11.47
N LYS C 45 -18.31 23.84 -11.31
CA LYS C 45 -18.98 24.91 -10.58
C LYS C 45 -20.29 25.29 -11.24
N ARG C 46 -20.35 25.10 -12.56
CA ARG C 46 -21.55 25.38 -13.34
C ARG C 46 -22.54 24.30 -12.97
N LEU C 47 -22.11 23.06 -13.12
CA LEU C 47 -22.92 21.89 -12.81
C LEU C 47 -23.47 21.89 -11.37
N LEU C 48 -22.65 22.31 -10.42
CA LEU C 48 -23.08 22.35 -9.04
C LEU C 48 -24.00 23.54 -8.79
N ALA C 49 -23.71 24.67 -9.43
CA ALA C 49 -24.51 25.87 -9.29
C ALA C 49 -25.88 25.65 -9.92
N GLU C 50 -25.93 24.74 -10.87
CA GLU C 50 -27.16 24.39 -11.57
C GLU C 50 -28.01 23.55 -10.59
N ARG C 51 -27.36 23.04 -9.55
CA ARG C 51 -28.00 22.22 -8.52
C ARG C 51 -28.04 23.01 -7.21
N GLY C 52 -27.75 24.31 -7.31
CA GLY C 52 -27.76 25.17 -6.15
C GLY C 52 -26.59 24.93 -5.22
N LEU C 53 -25.45 24.55 -5.78
CA LEU C 53 -24.26 24.26 -4.99
C LEU C 53 -23.04 25.09 -5.41
N LYS C 54 -22.32 25.58 -4.41
CA LYS C 54 -21.12 26.36 -4.68
C LYS C 54 -19.93 25.44 -4.49
N ALA C 55 -19.09 25.33 -5.51
CA ALA C 55 -17.89 24.49 -5.42
C ALA C 55 -16.88 25.18 -4.51
N LYS C 56 -15.76 24.51 -4.22
CA LYS C 56 -14.72 25.11 -3.39
C LYS C 56 -14.15 26.32 -4.15
N GLU C 57 -13.77 27.35 -3.39
CA GLU C 57 -13.22 28.57 -3.99
C GLU C 57 -11.96 28.30 -4.79
N LYS C 58 -11.04 27.51 -4.22
CA LYS C 58 -9.78 27.20 -4.87
C LYS C 58 -9.24 25.84 -4.42
N PRO C 59 -8.66 25.07 -5.36
CA PRO C 59 -8.12 23.75 -5.04
C PRO C 59 -7.06 23.81 -3.93
N ARG C 60 -7.16 22.93 -2.94
CA ARG C 60 -6.17 22.91 -1.88
C ARG C 60 -5.41 21.58 -1.88
N THR C 61 -4.11 21.65 -2.08
CA THR C 61 -3.28 20.46 -2.10
C THR C 61 -3.35 19.78 -0.72
N VAL C 62 -3.21 18.46 -0.73
CA VAL C 62 -3.27 17.67 0.49
C VAL C 62 -2.08 17.98 1.41
N ASP C 63 -1.10 18.70 0.89
CA ASP C 63 0.08 19.07 1.64
C ASP C 63 -0.23 20.18 2.64
N GLU C 64 -1.12 21.09 2.23
CA GLU C 64 -1.55 22.21 3.05
C GLU C 64 -2.59 21.74 4.08
N VAL C 65 -2.73 20.42 4.23
CA VAL C 65 -3.72 19.84 5.13
C VAL C 65 -3.23 18.70 6.04
N ASN C 66 -3.48 18.84 7.34
CA ASN C 66 -3.09 17.82 8.30
C ASN C 66 -4.17 16.72 8.40
N LEU C 67 -3.92 15.64 7.67
CA LEU C 67 -4.80 14.49 7.58
C LEU C 67 -5.45 13.95 8.85
N ASP C 68 -4.69 13.82 9.93
CA ASP C 68 -5.24 13.28 11.17
C ASP C 68 -6.53 13.95 11.67
N ASP C 69 -6.80 15.15 11.15
CA ASP C 69 -8.01 15.90 11.51
C ASP C 69 -9.27 15.15 11.10
N PHE C 70 -9.17 14.42 9.99
CA PHE C 70 -10.30 13.66 9.44
C PHE C 70 -10.53 12.27 10.06
N ASP C 71 -11.70 11.67 9.81
CA ASP C 71 -12.00 10.36 10.38
C ASP C 71 -12.30 9.31 9.36
N LEU C 72 -12.21 9.69 8.09
CA LEU C 72 -12.42 8.80 6.96
C LEU C 72 -11.99 9.56 5.73
N ILE C 73 -10.85 9.19 5.16
CA ILE C 73 -10.40 9.86 3.97
C ILE C 73 -10.65 8.97 2.77
N VAL C 74 -11.65 9.35 1.99
CA VAL C 74 -12.00 8.63 0.79
C VAL C 74 -11.09 9.13 -0.33
N THR C 75 -10.45 8.21 -1.03
CA THR C 75 -9.55 8.55 -2.13
C THR C 75 -10.16 8.22 -3.49
N VAL C 76 -10.33 9.24 -4.33
CA VAL C 76 -10.89 9.04 -5.67
C VAL C 76 -9.76 8.65 -6.61
N CYS C 77 -9.59 7.34 -6.80
CA CYS C 77 -8.55 6.79 -7.66
C CYS C 77 -8.90 6.73 -9.15
N GLU C 78 -7.86 6.55 -9.97
CA GLU C 78 -7.97 6.46 -11.43
C GLU C 78 -8.32 5.02 -11.82
N GLU C 79 -8.24 4.71 -13.12
CA GLU C 79 -8.54 3.36 -13.60
C GLU C 79 -7.62 2.31 -12.98
N SER C 80 -6.38 2.71 -12.68
CA SER C 80 -5.41 1.79 -12.11
C SER C 80 -4.25 2.49 -11.41
N SER C 81 -4.56 3.42 -10.53
CA SER C 81 -3.51 4.13 -9.81
C SER C 81 -4.03 4.88 -8.61
N CYS C 82 -4.41 4.12 -7.60
CA CYS C 82 -4.90 4.69 -6.35
C CYS C 82 -3.73 5.18 -5.53
N VAL C 83 -3.70 6.49 -5.30
CA VAL C 83 -2.64 7.10 -4.51
C VAL C 83 -2.85 6.77 -3.02
N VAL C 84 -1.76 6.51 -2.30
CA VAL C 84 -1.84 6.20 -0.89
C VAL C 84 -1.38 7.44 -0.12
N LEU C 85 -2.00 7.68 1.04
CA LEU C 85 -1.62 8.82 1.86
C LEU C 85 -0.94 8.37 3.13
N PRO C 86 -0.13 9.26 3.74
CA PRO C 86 0.64 9.02 4.98
C PRO C 86 -0.21 8.97 6.25
N THR C 87 -1.06 7.94 6.36
CA THR C 87 -1.91 7.83 7.53
C THR C 87 -2.36 6.39 7.83
N ASP C 88 -2.15 5.95 9.07
CA ASP C 88 -2.59 4.61 9.52
C ASP C 88 -4.12 4.74 9.77
N LYS C 89 -4.72 5.87 9.38
CA LYS C 89 -6.15 6.16 9.50
C LYS C 89 -6.98 5.39 8.47
N PRO C 90 -8.31 5.49 8.56
CA PRO C 90 -9.17 4.79 7.59
C PRO C 90 -9.32 5.53 6.28
N VAL C 91 -9.13 4.81 5.18
CA VAL C 91 -9.27 5.40 3.85
C VAL C 91 -9.79 4.39 2.83
N THR C 92 -10.73 4.82 2.00
CA THR C 92 -11.33 3.99 0.96
C THR C 92 -10.82 4.43 -0.42
N ARG C 93 -11.28 3.76 -1.47
CA ARG C 93 -10.86 4.07 -2.83
C ARG C 93 -12.03 4.00 -3.82
N TRP C 94 -12.27 5.08 -4.54
CA TRP C 94 -13.34 5.11 -5.50
C TRP C 94 -12.77 5.26 -6.90
N HIS C 95 -12.96 4.26 -7.74
CA HIS C 95 -12.45 4.35 -9.10
C HIS C 95 -13.49 5.12 -9.91
N ILE C 96 -13.21 6.40 -10.16
CA ILE C 96 -14.10 7.28 -10.89
C ILE C 96 -13.45 7.88 -12.12
N GLU C 97 -14.14 7.75 -13.24
CA GLU C 97 -13.69 8.26 -14.54
C GLU C 97 -13.31 9.73 -14.41
N ASN C 98 -12.15 10.06 -14.96
CA ASN C 98 -11.65 11.43 -14.93
C ASN C 98 -12.39 12.23 -16.02
N PRO C 99 -13.29 13.15 -15.63
CA PRO C 99 -14.02 13.94 -16.61
C PRO C 99 -13.20 14.98 -17.34
N ALA C 100 -12.08 15.37 -16.73
CA ALA C 100 -11.17 16.39 -17.28
C ALA C 100 -10.93 16.35 -18.78
N GLY C 101 -11.30 17.45 -19.44
CA GLY C 101 -11.11 17.56 -20.88
C GLY C 101 -12.30 17.01 -21.65
N LYS C 102 -12.70 15.80 -21.30
CA LYS C 102 -13.83 15.12 -21.93
C LYS C 102 -15.02 16.08 -22.03
N ASP C 103 -15.11 16.97 -21.04
CA ASP C 103 -16.18 17.96 -20.93
C ASP C 103 -17.57 17.41 -21.24
N GLU C 104 -18.25 17.97 -22.25
CA GLU C 104 -19.59 17.52 -22.65
C GLU C 104 -20.50 17.07 -21.48
N GLY C 105 -21.20 15.97 -21.69
CA GLY C 105 -22.08 15.44 -20.67
C GLY C 105 -21.38 14.49 -19.71
N THR C 106 -20.18 14.05 -20.10
CA THR C 106 -19.36 13.14 -19.29
C THR C 106 -19.21 13.65 -17.87
N TYR C 107 -19.16 14.96 -17.72
CA TYR C 107 -19.05 15.58 -16.42
C TYR C 107 -20.27 15.26 -15.57
N ARG C 108 -21.45 15.39 -16.19
CA ARG C 108 -22.71 15.09 -15.50
C ARG C 108 -22.74 13.63 -15.08
N ARG C 109 -22.31 12.75 -15.97
CA ARG C 109 -22.24 11.33 -15.71
C ARG C 109 -21.36 11.11 -14.48
N VAL C 110 -20.20 11.77 -14.45
CA VAL C 110 -19.28 11.67 -13.32
C VAL C 110 -19.93 12.22 -12.07
N LEU C 111 -20.73 13.27 -12.25
CA LEU C 111 -21.39 13.88 -11.11
C LEU C 111 -22.36 12.88 -10.48
N ALA C 112 -23.11 12.20 -11.35
CA ALA C 112 -24.10 11.22 -10.90
C ALA C 112 -23.48 10.08 -10.10
N GLU C 113 -22.42 9.46 -10.63
CA GLU C 113 -21.77 8.36 -9.94
C GLU C 113 -21.31 8.77 -8.56
N ILE C 114 -20.68 9.93 -8.50
CA ILE C 114 -20.19 10.46 -7.24
C ILE C 114 -21.37 10.61 -6.27
N GLU C 115 -22.52 11.02 -6.83
CA GLU C 115 -23.74 11.23 -6.07
C GLU C 115 -24.30 9.93 -5.55
N GLU C 116 -24.32 8.91 -6.40
CA GLU C 116 -24.80 7.58 -6.04
C GLU C 116 -23.93 7.05 -4.92
N ARG C 117 -22.63 7.31 -5.02
CA ARG C 117 -21.67 6.85 -4.04
C ARG C 117 -21.70 7.66 -2.75
N VAL C 118 -21.89 8.97 -2.86
CA VAL C 118 -21.94 9.79 -1.66
C VAL C 118 -23.21 9.44 -0.88
N LYS C 119 -24.31 9.34 -1.59
CA LYS C 119 -25.62 9.00 -1.01
C LYS C 119 -25.50 7.73 -0.20
N LYS C 120 -24.96 6.71 -0.85
CA LYS C 120 -24.75 5.42 -0.23
C LYS C 120 -23.82 5.57 0.99
N LEU C 121 -22.68 6.25 0.80
CA LEU C 121 -21.68 6.47 1.86
C LEU C 121 -22.23 7.21 3.05
N VAL C 122 -23.15 8.13 2.81
CA VAL C 122 -23.75 8.91 3.89
C VAL C 122 -24.67 8.05 4.76
N GLY C 123 -24.60 6.73 4.56
CA GLY C 123 -25.38 5.82 5.38
C GLY C 123 -24.81 5.88 6.79
N GLU C 124 -23.52 6.20 6.88
CA GLU C 124 -22.81 6.31 8.15
C GLU C 124 -21.72 7.42 8.11
N LYS D 1 -21.54 -4.03 9.39
CA LYS D 1 -20.50 -4.71 10.22
C LYS D 1 -19.05 -4.36 9.88
N VAL D 2 -18.19 -4.51 10.87
CA VAL D 2 -16.75 -4.24 10.74
C VAL D 2 -15.98 -5.56 10.84
N LEU D 3 -14.78 -5.61 10.26
CA LEU D 3 -13.96 -6.81 10.33
C LEU D 3 -12.63 -6.51 11.01
N PHE D 4 -12.33 -7.22 12.09
CA PHE D 4 -11.07 -7.06 12.80
C PHE D 4 -10.12 -8.16 12.37
N VAL D 5 -9.11 -7.81 11.59
CA VAL D 5 -8.16 -8.80 11.12
C VAL D 5 -6.74 -8.56 11.60
N CYS D 6 -6.11 -9.63 12.05
CA CYS D 6 -4.72 -9.56 12.49
C CYS D 6 -4.06 -10.73 11.80
N ILE D 7 -2.79 -10.99 12.13
CA ILE D 7 -2.09 -12.09 11.49
C ILE D 7 -2.66 -13.47 11.85
N HIS D 8 -2.19 -14.01 12.96
CA HIS D 8 -2.60 -15.32 13.42
C HIS D 8 -4.04 -15.51 13.99
N ASN D 9 -4.77 -14.43 14.23
CA ASN D 9 -6.17 -14.48 14.73
C ASN D 9 -6.43 -15.40 15.93
N THR D 10 -5.91 -15.04 17.09
CA THR D 10 -6.09 -15.88 18.25
C THR D 10 -6.46 -15.06 19.48
N ALA D 11 -5.99 -13.82 19.53
CA ALA D 11 -6.26 -12.97 20.67
C ALA D 11 -6.91 -11.62 20.34
N ARG D 12 -6.08 -10.62 20.01
CA ARG D 12 -6.53 -9.26 19.70
C ARG D 12 -7.70 -9.19 18.75
N SER D 13 -7.59 -9.92 17.64
CA SER D 13 -8.67 -9.94 16.65
C SER D 13 -9.94 -10.30 17.38
N VAL D 14 -9.85 -11.37 18.15
CA VAL D 14 -10.97 -11.87 18.90
C VAL D 14 -11.42 -10.90 19.98
N MET D 15 -10.48 -10.26 20.65
CA MET D 15 -10.85 -9.31 21.70
C MET D 15 -11.71 -8.16 21.15
N ALA D 16 -11.17 -7.46 20.15
CA ALA D 16 -11.87 -6.32 19.56
C ALA D 16 -13.30 -6.66 19.13
N GLU D 17 -13.48 -7.84 18.55
CA GLU D 17 -14.78 -8.29 18.09
C GLU D 17 -15.77 -8.33 19.24
N ALA D 18 -15.46 -9.13 20.25
CA ALA D 18 -16.30 -9.28 21.44
C ALA D 18 -16.66 -7.95 22.14
N LEU D 19 -15.67 -7.07 22.30
CA LEU D 19 -15.88 -5.78 22.94
C LEU D 19 -16.74 -4.88 22.06
N PHE D 20 -16.46 -4.92 20.77
CA PHE D 20 -17.19 -4.11 19.82
C PHE D 20 -18.66 -4.41 19.94
N ASN D 21 -19.00 -5.69 19.77
CA ASN D 21 -20.38 -6.18 19.84
C ASN D 21 -21.10 -5.84 21.16
N ALA D 22 -20.35 -5.82 22.26
CA ALA D 22 -20.93 -5.47 23.56
C ALA D 22 -21.18 -3.97 23.67
N MET D 23 -20.65 -3.20 22.72
CA MET D 23 -20.81 -1.75 22.74
C MET D 23 -21.63 -1.17 21.58
N ALA D 24 -21.58 -1.82 20.42
CA ALA D 24 -22.33 -1.37 19.25
C ALA D 24 -23.79 -1.79 19.30
N LYS D 25 -24.68 -0.88 18.91
CA LYS D 25 -26.10 -1.18 18.90
C LYS D 25 -26.52 -1.73 17.55
N SER D 26 -26.25 -0.98 16.49
CA SER D 26 -26.63 -1.43 15.15
C SER D 26 -25.56 -2.22 14.41
N TRP D 27 -24.31 -1.77 14.50
CA TRP D 27 -23.21 -2.46 13.84
C TRP D 27 -22.88 -3.75 14.58
N LYS D 28 -22.35 -4.72 13.82
CA LYS D 28 -21.93 -6.00 14.39
C LYS D 28 -20.46 -6.14 14.01
N ALA D 29 -19.82 -7.21 14.46
CA ALA D 29 -18.41 -7.41 14.15
C ALA D 29 -18.03 -8.86 13.95
N GLU D 30 -16.96 -9.06 13.19
CA GLU D 30 -16.42 -10.39 12.93
C GLU D 30 -14.90 -10.22 12.92
N SER D 31 -14.16 -11.32 12.85
CA SER D 31 -12.71 -11.25 12.82
C SER D 31 -12.14 -12.28 11.85
N ALA D 32 -10.89 -12.07 11.43
CA ALA D 32 -10.23 -12.98 10.52
C ALA D 32 -8.72 -12.80 10.61
N GLY D 33 -7.97 -13.77 10.12
CA GLY D 33 -6.52 -13.69 10.18
C GLY D 33 -5.82 -13.98 8.87
N VAL D 34 -4.56 -13.55 8.79
CA VAL D 34 -3.76 -13.75 7.59
C VAL D 34 -3.27 -15.21 7.51
N GLU D 35 -3.03 -15.82 8.66
CA GLU D 35 -2.52 -17.18 8.67
C GLU D 35 -3.26 -18.08 9.66
N LYS D 36 -3.31 -19.37 9.34
CA LYS D 36 -4.00 -20.37 10.16
C LYS D 36 -3.56 -20.52 11.61
N ALA D 37 -4.53 -20.83 12.45
CA ALA D 37 -4.33 -21.04 13.87
C ALA D 37 -5.40 -22.03 14.35
N GLU D 38 -4.98 -23.00 15.16
CA GLU D 38 -5.86 -24.04 15.65
C GLU D 38 -6.78 -23.57 16.78
N ARG D 39 -6.21 -22.90 17.78
CA ARG D 39 -6.99 -22.47 18.94
C ARG D 39 -7.02 -20.99 19.27
N VAL D 40 -8.11 -20.53 19.86
CA VAL D 40 -8.19 -19.14 20.28
C VAL D 40 -7.48 -19.14 21.63
N ASP D 41 -6.74 -18.07 21.89
CA ASP D 41 -5.97 -17.94 23.11
C ASP D 41 -6.80 -18.23 24.36
N GLU D 42 -6.20 -18.99 25.26
CA GLU D 42 -6.86 -19.35 26.51
C GLU D 42 -6.87 -18.16 27.47
N THR D 43 -5.84 -17.33 27.40
CA THR D 43 -5.77 -16.15 28.28
C THR D 43 -6.88 -15.19 27.92
N VAL D 44 -7.14 -15.10 26.62
CA VAL D 44 -8.17 -14.21 26.11
C VAL D 44 -9.56 -14.66 26.49
N LYS D 45 -9.91 -15.90 26.18
CA LYS D 45 -11.23 -16.42 26.49
C LYS D 45 -11.48 -16.37 27.99
N ARG D 46 -10.40 -16.46 28.76
CA ARG D 46 -10.50 -16.39 30.21
C ARG D 46 -10.80 -14.94 30.56
N LEU D 47 -9.99 -14.05 30.00
CA LEU D 47 -10.11 -12.62 30.22
C LEU D 47 -11.46 -12.03 29.78
N LEU D 48 -12.00 -12.55 28.68
CA LEU D 48 -13.29 -12.10 28.19
C LEU D 48 -14.41 -12.71 29.04
N ALA D 49 -14.25 -13.97 29.41
CA ALA D 49 -15.23 -14.67 30.23
C ALA D 49 -15.32 -14.04 31.60
N GLU D 50 -14.22 -13.40 32.00
CA GLU D 50 -14.13 -12.72 33.28
C GLU D 50 -14.95 -11.44 33.19
N ARG D 51 -15.22 -11.02 31.96
CA ARG D 51 -15.99 -9.81 31.69
C ARG D 51 -17.35 -10.21 31.11
N GLY D 52 -17.65 -11.50 31.21
CA GLY D 52 -18.91 -12.03 30.71
C GLY D 52 -18.99 -12.07 29.19
N LEU D 53 -17.87 -12.36 28.54
CA LEU D 53 -17.81 -12.43 27.10
C LEU D 53 -17.23 -13.75 26.59
N LYS D 54 -17.86 -14.29 25.55
CA LYS D 54 -17.40 -15.54 24.97
C LYS D 54 -16.60 -15.16 23.73
N ALA D 55 -15.37 -15.62 23.66
CA ALA D 55 -14.54 -15.35 22.50
C ALA D 55 -15.05 -16.19 21.32
N LYS D 56 -14.47 -16.00 20.14
CA LYS D 56 -14.86 -16.79 18.98
C LYS D 56 -14.49 -18.25 19.25
N GLU D 57 -15.30 -19.18 18.73
CA GLU D 57 -15.10 -20.61 18.92
C GLU D 57 -13.77 -21.07 18.35
N LYS D 58 -13.47 -20.65 17.13
CA LYS D 58 -12.23 -21.04 16.47
C LYS D 58 -11.75 -19.96 15.49
N PRO D 59 -10.44 -19.71 15.44
CA PRO D 59 -9.87 -18.70 14.54
C PRO D 59 -10.26 -18.95 13.08
N ARG D 60 -10.71 -17.91 12.38
CA ARG D 60 -11.04 -18.06 10.96
C ARG D 60 -10.12 -17.21 10.09
N THR D 61 -9.39 -17.85 9.20
CA THR D 61 -8.46 -17.15 8.31
C THR D 61 -9.28 -16.23 7.41
N VAL D 62 -8.66 -15.12 7.03
CA VAL D 62 -9.30 -14.12 6.17
C VAL D 62 -9.57 -14.68 4.77
N ASP D 63 -9.03 -15.87 4.50
CA ASP D 63 -9.19 -16.52 3.20
C ASP D 63 -10.59 -17.14 3.09
N GLU D 64 -11.07 -17.67 4.22
CA GLU D 64 -12.39 -18.29 4.30
C GLU D 64 -13.48 -17.21 4.41
N VAL D 65 -13.12 -15.96 4.13
CA VAL D 65 -14.05 -14.82 4.24
C VAL D 65 -14.01 -13.82 3.08
N ASN D 66 -15.19 -13.55 2.52
CA ASN D 66 -15.32 -12.61 1.42
C ASN D 66 -15.46 -11.18 1.97
N LEU D 67 -14.33 -10.48 1.95
CA LEU D 67 -14.21 -9.12 2.45
C LEU D 67 -15.28 -8.09 2.09
N ASP D 68 -15.73 -8.07 0.84
CA ASP D 68 -16.73 -7.10 0.40
C ASP D 68 -18.01 -7.03 1.27
N ASP D 69 -18.25 -8.10 2.04
CA ASP D 69 -19.41 -8.16 2.93
C ASP D 69 -19.39 -7.06 4.00
N PHE D 70 -18.18 -6.69 4.41
CA PHE D 70 -17.98 -5.69 5.45
C PHE D 70 -17.98 -4.25 4.95
N ASP D 71 -18.09 -3.31 5.88
CA ASP D 71 -18.12 -1.89 5.51
C ASP D 71 -16.99 -1.07 6.12
N LEU D 72 -16.13 -1.72 6.88
CA LEU D 72 -14.99 -1.07 7.52
C LEU D 72 -14.14 -2.18 8.08
N ILE D 73 -13.02 -2.46 7.43
CA ILE D 73 -12.15 -3.51 7.92
C ILE D 73 -10.96 -2.87 8.65
N VAL D 74 -10.98 -2.98 9.96
CA VAL D 74 -9.91 -2.44 10.79
C VAL D 74 -8.84 -3.51 10.85
N THR D 75 -7.60 -3.12 10.56
CA THR D 75 -6.45 -4.03 10.58
C THR D 75 -5.55 -3.79 11.78
N VAL D 76 -5.42 -4.79 12.65
CA VAL D 76 -4.56 -4.69 13.84
C VAL D 76 -3.15 -5.03 13.43
N CYS D 77 -2.36 -3.99 13.17
CA CYS D 77 -0.98 -4.13 12.74
C CYS D 77 0.03 -4.25 13.88
N GLU D 78 1.24 -4.71 13.53
CA GLU D 78 2.35 -4.89 14.45
C GLU D 78 3.09 -3.56 14.64
N GLU D 79 4.27 -3.60 15.28
CA GLU D 79 5.05 -2.38 15.51
C GLU D 79 5.46 -1.70 14.20
N SER D 80 5.65 -2.50 13.15
CA SER D 80 6.05 -1.97 11.85
C SER D 80 5.77 -2.92 10.68
N SER D 81 4.55 -3.43 10.61
CA SER D 81 4.21 -4.34 9.53
C SER D 81 2.70 -4.54 9.37
N CYS D 82 2.04 -3.49 8.90
CA CYS D 82 0.61 -3.50 8.68
C CYS D 82 0.34 -4.25 7.38
N VAL D 83 -0.38 -5.36 7.50
CA VAL D 83 -0.74 -6.17 6.35
C VAL D 83 -1.86 -5.48 5.56
N VAL D 84 -1.75 -5.49 4.24
CA VAL D 84 -2.77 -4.88 3.38
C VAL D 84 -3.68 -5.98 2.83
N LEU D 85 -4.97 -5.68 2.69
CA LEU D 85 -5.90 -6.67 2.17
C LEU D 85 -6.37 -6.31 0.76
N PRO D 86 -6.79 -7.31 -0.02
CA PRO D 86 -7.28 -7.13 -1.39
C PRO D 86 -8.65 -6.46 -1.49
N THR D 87 -8.72 -5.17 -1.13
CA THR D 87 -9.98 -4.46 -1.20
C THR D 87 -9.88 -2.94 -1.35
N ASP D 88 -10.55 -2.37 -2.35
CA ASP D 88 -10.57 -0.93 -2.55
C ASP D 88 -11.53 -0.34 -1.48
N LYS D 89 -11.95 -1.18 -0.53
CA LYS D 89 -12.85 -0.81 0.59
C LYS D 89 -12.14 -0.02 1.68
N PRO D 90 -12.89 0.51 2.68
CA PRO D 90 -12.27 1.28 3.77
C PRO D 90 -11.62 0.40 4.83
N VAL D 91 -10.37 0.70 5.16
CA VAL D 91 -9.63 -0.06 6.16
C VAL D 91 -8.67 0.83 6.95
N THR D 92 -8.67 0.65 8.27
CA THR D 92 -7.80 1.39 9.19
C THR D 92 -6.70 0.47 9.72
N ARG D 93 -5.79 1.03 10.52
CA ARG D 93 -4.68 0.28 11.07
C ARG D 93 -4.45 0.62 12.54
N TRP D 94 -4.43 -0.38 13.40
CA TRP D 94 -4.21 -0.15 14.82
C TRP D 94 -2.93 -0.84 15.22
N HIS D 95 -1.96 -0.07 15.68
CA HIS D 95 -0.71 -0.67 16.09
C HIS D 95 -0.90 -1.10 17.53
N ILE D 96 -1.08 -2.39 17.72
CA ILE D 96 -1.31 -2.92 19.05
C ILE D 96 -0.29 -4.00 19.40
N GLU D 97 0.30 -3.85 20.58
CA GLU D 97 1.29 -4.78 21.12
C GLU D 97 0.75 -6.20 21.07
N ASN D 98 1.56 -7.11 20.55
CA ASN D 98 1.20 -8.53 20.43
C ASN D 98 1.36 -9.18 21.82
N PRO D 99 0.25 -9.54 22.47
CA PRO D 99 0.32 -10.16 23.81
C PRO D 99 0.87 -11.57 23.82
N ALA D 100 0.82 -12.23 22.67
CA ALA D 100 1.29 -13.60 22.53
C ALA D 100 2.59 -13.99 23.26
N GLY D 101 2.49 -15.00 24.13
CA GLY D 101 3.65 -15.46 24.87
C GLY D 101 3.89 -14.65 26.12
N LYS D 102 3.89 -13.33 25.98
CA LYS D 102 4.10 -12.40 27.09
C LYS D 102 3.23 -12.76 28.30
N ASP D 103 2.05 -13.30 27.99
CA ASP D 103 1.04 -13.72 28.96
C ASP D 103 0.83 -12.70 30.10
N GLU D 104 1.06 -13.14 31.34
CA GLU D 104 0.93 -12.28 32.52
C GLU D 104 -0.22 -11.26 32.44
N GLY D 105 0.08 -10.03 32.85
CA GLY D 105 -0.90 -8.96 32.83
C GLY D 105 -0.90 -8.20 31.51
N THR D 106 0.14 -8.43 30.70
CA THR D 106 0.28 -7.78 29.39
C THR D 106 -0.99 -7.96 28.55
N TYR D 107 -1.60 -9.13 28.65
CA TYR D 107 -2.82 -9.42 27.93
C TYR D 107 -3.91 -8.43 28.31
N ARG D 108 -4.10 -8.22 29.61
CA ARG D 108 -5.10 -7.30 30.10
C ARG D 108 -4.82 -5.89 29.59
N ARG D 109 -3.55 -5.50 29.57
CA ARG D 109 -3.15 -4.19 29.07
C ARG D 109 -3.56 -4.10 27.61
N VAL D 110 -3.32 -5.15 26.85
CA VAL D 110 -3.71 -5.18 25.46
C VAL D 110 -5.23 -5.09 25.36
N LEU D 111 -5.92 -5.79 26.25
CA LEU D 111 -7.37 -5.76 26.25
C LEU D 111 -7.87 -4.34 26.44
N ALA D 112 -7.29 -3.65 27.41
CA ALA D 112 -7.69 -2.29 27.70
C ALA D 112 -7.56 -1.36 26.50
N GLU D 113 -6.41 -1.39 25.83
CA GLU D 113 -6.19 -0.54 24.67
C GLU D 113 -7.20 -0.81 23.59
N ILE D 114 -7.42 -2.08 23.32
CA ILE D 114 -8.39 -2.47 22.31
C ILE D 114 -9.76 -1.90 22.67
N GLU D 115 -10.04 -1.87 23.97
CA GLU D 115 -11.29 -1.36 24.53
C GLU D 115 -11.42 0.14 24.38
N GLU D 116 -10.32 0.84 24.66
CA GLU D 116 -10.25 2.29 24.55
C GLU D 116 -10.46 2.68 23.08
N ARG D 117 -9.93 1.84 22.19
CA ARG D 117 -10.03 2.09 20.76
C ARG D 117 -11.39 1.67 20.20
N VAL D 118 -11.92 0.55 20.67
CA VAL D 118 -13.24 0.12 20.19
C VAL D 118 -14.32 1.11 20.65
N LYS D 119 -14.24 1.49 21.92
CA LYS D 119 -15.16 2.45 22.51
C LYS D 119 -15.22 3.70 21.66
N LYS D 120 -14.04 4.24 21.37
CA LYS D 120 -13.88 5.44 20.55
C LYS D 120 -14.44 5.18 19.15
N LEU D 121 -14.03 4.06 18.55
CA LEU D 121 -14.47 3.68 17.19
C LEU D 121 -15.97 3.53 17.08
N VAL D 122 -16.60 3.05 18.15
CA VAL D 122 -18.04 2.86 18.15
C VAL D 122 -18.80 4.20 18.16
N GLY D 123 -18.07 5.29 17.90
CA GLY D 123 -18.70 6.59 17.82
C GLY D 123 -19.55 6.61 16.57
N GLU D 124 -19.14 5.80 15.59
CA GLU D 124 -19.84 5.69 14.31
C GLU D 124 -19.73 4.26 13.74
#